data_1BR6
#
_entry.id   1BR6
#
_cell.length_a   38.992
_cell.length_b   64.366
_cell.length_c   49.442
_cell.angle_alpha   90.00
_cell.angle_beta   107.98
_cell.angle_gamma   90.00
#
_symmetry.space_group_name_H-M   'P 1 21 1'
#
loop_
_entity.id
_entity.type
_entity.pdbx_description
1 polymer 'PROTEIN (RICIN)'
2 non-polymer 'PTEROIC ACID'
3 water water
#
_entity_poly.entity_id   1
_entity_poly.type   'polypeptide(L)'
_entity_poly.pdbx_seq_one_letter_code
;MIFPKQYPIINFTTAGATVQSYTNFIRAVRGRLTTGADVRHEIPVLPNRVGLPINQRFILVELSNHAELSVTLALDVTNA
YVVGYRAGNSAYFFHPDNQEDAEAITHLFTDVQNRYTFAFGGNYDRLEQLAGNLRENIELGNGPLEEAISALYYYSTGGT
QLPTLARSFIICIQMISEAARFQYIEGEMRTRIRYNRRSAPDPSVITLENSWGRLSTAIQESNQGAFASPIQLQRRNGSK
FSVYDVSILIPIIALMVYRCAPPPSSQF
;
_entity_poly.pdbx_strand_id   A
#
loop_
_chem_comp.id
_chem_comp.type
_chem_comp.name
_chem_comp.formula
PT1 non-polymer 'PTEROIC ACID' 'C14 H12 N6 O3'
#
# COMPACT_ATOMS: atom_id res chain seq x y z
N MET A 1 28.86 0.99 -14.63
CA MET A 1 28.16 2.23 -14.43
C MET A 1 26.64 2.09 -14.22
N ILE A 2 25.78 1.90 -15.24
CA ILE A 2 24.33 2.11 -15.11
C ILE A 2 23.41 0.85 -15.28
N PHE A 3 22.09 1.01 -15.47
CA PHE A 3 21.03 0.02 -15.81
C PHE A 3 19.98 0.85 -16.59
N PRO A 4 18.73 0.50 -16.90
CA PRO A 4 17.70 1.51 -17.15
C PRO A 4 16.42 1.60 -16.34
N LYS A 5 15.99 2.86 -16.39
CA LYS A 5 14.78 3.48 -15.86
C LYS A 5 14.60 3.82 -14.38
N GLN A 6 14.38 5.13 -14.29
CA GLN A 6 14.20 5.88 -13.06
C GLN A 6 12.69 5.96 -12.87
N TYR A 7 12.30 5.51 -11.69
CA TYR A 7 10.91 5.43 -11.31
C TYR A 7 10.39 6.80 -10.86
N PRO A 8 9.12 7.17 -11.12
CA PRO A 8 8.45 8.35 -10.56
C PRO A 8 8.62 8.46 -9.04
N ILE A 9 9.00 9.61 -8.48
CA ILE A 9 9.12 9.75 -7.05
C ILE A 9 7.99 10.67 -6.59
N ILE A 10 7.29 10.38 -5.49
CA ILE A 10 6.27 11.23 -4.93
C ILE A 10 6.78 11.48 -3.51
N ASN A 11 6.80 12.70 -2.99
CA ASN A 11 7.39 13.02 -1.69
C ASN A 11 6.27 13.34 -0.72
N PHE A 12 6.53 13.18 0.59
CA PHE A 12 5.62 13.61 1.65
C PHE A 12 6.37 13.71 2.97
N THR A 13 6.14 14.80 3.68
CA THR A 13 6.71 14.93 5.00
C THR A 13 5.63 15.02 6.09
N THR A 14 5.96 14.37 7.17
CA THR A 14 5.12 14.32 8.34
C THR A 14 5.25 15.65 9.09
N ALA A 15 6.30 16.44 8.84
CA ALA A 15 6.59 17.70 9.53
C ALA A 15 5.55 18.74 9.16
N GLY A 16 4.59 18.85 10.07
CA GLY A 16 3.47 19.77 9.90
C GLY A 16 2.53 19.29 8.81
N ALA A 17 2.37 17.97 8.59
CA ALA A 17 1.42 17.45 7.61
C ALA A 17 -0.02 17.96 7.84
N THR A 18 -0.74 18.41 6.81
CA THR A 18 -2.12 18.83 6.98
C THR A 18 -3.04 17.87 6.23
N VAL A 19 -4.36 18.09 6.28
CA VAL A 19 -5.36 17.35 5.49
C VAL A 19 -5.07 17.60 4.01
N GLN A 20 -4.82 18.85 3.62
CA GLN A 20 -4.54 19.18 2.24
C GLN A 20 -3.30 18.53 1.70
N SER A 21 -2.22 18.53 2.47
CA SER A 21 -1.01 17.93 1.95
C SER A 21 -1.16 16.42 1.87
N TYR A 22 -1.85 15.76 2.79
CA TYR A 22 -2.00 14.33 2.71
C TYR A 22 -2.95 13.95 1.56
N THR A 23 -4.04 14.68 1.34
CA THR A 23 -4.95 14.44 0.22
C THR A 23 -4.16 14.49 -1.10
N ASN A 24 -3.34 15.55 -1.24
CA ASN A 24 -2.47 15.70 -2.39
C ASN A 24 -1.50 14.55 -2.61
N PHE A 25 -0.97 14.03 -1.50
CA PHE A 25 -0.03 12.91 -1.54
C PHE A 25 -0.77 11.70 -2.08
N ILE A 26 -1.90 11.36 -1.46
CA ILE A 26 -2.62 10.16 -1.84
C ILE A 26 -3.14 10.23 -3.26
N ARG A 27 -3.54 11.41 -3.74
CA ARG A 27 -3.99 11.53 -5.12
C ARG A 27 -2.81 11.44 -6.10
N ALA A 28 -1.61 11.96 -5.80
CA ALA A 28 -0.49 11.80 -6.72
C ALA A 28 -0.15 10.30 -6.76
N VAL A 29 -0.11 9.55 -5.64
CA VAL A 29 0.16 8.10 -5.63
C VAL A 29 -0.78 7.29 -6.53
N ARG A 30 -2.11 7.55 -6.45
CA ARG A 30 -3.11 6.92 -7.30
C ARG A 30 -2.91 7.36 -8.73
N GLY A 31 -2.63 8.64 -8.96
CA GLY A 31 -2.36 9.18 -10.28
C GLY A 31 -1.18 8.51 -10.95
N ARG A 32 -0.22 8.08 -10.15
CA ARG A 32 0.94 7.36 -10.68
C ARG A 32 0.75 5.85 -10.82
N LEU A 33 -0.19 5.25 -10.08
CA LEU A 33 -0.45 3.82 -10.14
C LEU A 33 -1.29 3.49 -11.33
N THR A 34 -2.42 4.17 -11.52
CA THR A 34 -3.30 3.85 -12.62
C THR A 34 -3.03 4.86 -13.70
N THR A 35 -2.73 4.29 -14.84
CA THR A 35 -2.29 4.98 -16.04
C THR A 35 -3.51 5.52 -16.75
N GLY A 36 -4.37 6.27 -16.07
CA GLY A 36 -5.58 6.74 -16.71
C GLY A 36 -6.62 5.69 -16.41
N ALA A 37 -7.19 4.93 -17.36
CA ALA A 37 -8.27 4.06 -16.95
C ALA A 37 -8.69 2.76 -17.61
N ASP A 38 -8.50 1.65 -16.93
CA ASP A 38 -9.19 0.43 -17.31
C ASP A 38 -10.22 0.55 -16.20
N VAL A 39 -11.52 0.72 -16.48
CA VAL A 39 -12.52 0.93 -15.46
C VAL A 39 -13.58 -0.16 -15.54
N ARG A 40 -13.83 -0.91 -14.46
CA ARG A 40 -14.91 -1.88 -14.47
C ARG A 40 -15.86 -1.38 -13.40
N HIS A 41 -17.15 -1.22 -13.66
CA HIS A 41 -18.19 -0.84 -12.70
C HIS A 41 -17.87 0.41 -11.87
N GLU A 42 -17.26 1.33 -12.60
CA GLU A 42 -16.87 2.65 -12.14
C GLU A 42 -15.78 2.67 -11.09
N ILE A 43 -14.94 1.65 -11.09
CA ILE A 43 -13.77 1.59 -10.22
C ILE A 43 -12.63 1.34 -11.20
N PRO A 44 -11.52 2.08 -11.16
CA PRO A 44 -10.35 1.82 -12.01
C PRO A 44 -9.62 0.56 -11.59
N VAL A 45 -9.00 -0.01 -12.59
CA VAL A 45 -8.26 -1.23 -12.40
C VAL A 45 -6.78 -0.90 -12.51
N LEU A 46 -5.99 -1.59 -11.70
CA LEU A 46 -4.54 -1.48 -11.70
C LEU A 46 -3.90 -2.17 -12.91
N PRO A 47 -2.68 -1.79 -13.36
CA PRO A 47 -2.03 -2.37 -14.52
C PRO A 47 -1.85 -3.87 -14.39
N ASN A 48 -2.10 -4.53 -15.51
CA ASN A 48 -1.89 -5.98 -15.58
C ASN A 48 -0.38 -6.30 -15.58
N ARG A 49 -0.13 -7.21 -14.69
CA ARG A 49 1.16 -7.81 -14.48
C ARG A 49 1.81 -8.37 -15.75
N VAL A 50 1.12 -9.25 -16.50
CA VAL A 50 1.69 -9.87 -17.70
C VAL A 50 1.73 -8.76 -18.74
N GLY A 51 2.84 -8.62 -19.43
CA GLY A 51 2.95 -7.67 -20.53
C GLY A 51 3.29 -6.26 -20.10
N LEU A 52 3.63 -5.99 -18.84
CA LEU A 52 3.98 -4.66 -18.36
C LEU A 52 5.51 -4.53 -18.31
N PRO A 53 6.15 -3.60 -19.04
CA PRO A 53 7.61 -3.42 -19.01
C PRO A 53 8.20 -3.10 -17.63
N ILE A 54 9.45 -3.50 -17.27
CA ILE A 54 10.01 -3.18 -15.94
C ILE A 54 10.05 -1.68 -15.71
N ASN A 55 10.29 -0.93 -16.78
CA ASN A 55 10.23 0.52 -16.77
C ASN A 55 8.94 1.15 -16.24
N GLN A 56 7.82 0.42 -16.15
CA GLN A 56 6.60 0.97 -15.58
C GLN A 56 6.14 0.18 -14.37
N ARG A 57 6.98 -0.73 -13.87
CA ARG A 57 6.56 -1.62 -12.82
C ARG A 57 6.57 -1.03 -11.40
N PHE A 58 7.39 0.01 -11.11
CA PHE A 58 7.44 0.54 -9.75
C PHE A 58 7.32 2.07 -9.64
N ILE A 59 6.97 2.53 -8.44
CA ILE A 59 6.82 3.93 -8.09
C ILE A 59 7.52 4.03 -6.75
N LEU A 60 8.03 5.23 -6.50
CA LEU A 60 8.81 5.52 -5.32
C LEU A 60 8.09 6.56 -4.45
N VAL A 61 8.07 6.35 -3.14
CA VAL A 61 7.43 7.25 -2.21
C VAL A 61 8.50 7.64 -1.20
N GLU A 62 8.92 8.89 -1.27
CA GLU A 62 9.94 9.42 -0.39
C GLU A 62 9.29 10.10 0.80
N LEU A 63 9.56 9.53 1.96
CA LEU A 63 9.05 10.03 3.22
C LEU A 63 10.09 10.77 4.02
N SER A 64 9.83 12.02 4.38
CA SER A 64 10.74 12.66 5.29
C SER A 64 9.89 13.13 6.46
N ASN A 65 10.74 13.35 7.43
CA ASN A 65 10.28 13.35 8.78
C ASN A 65 10.82 14.59 9.49
N HIS A 66 10.30 14.92 10.67
CA HIS A 66 10.67 16.14 11.38
C HIS A 66 12.11 16.11 11.84
N ALA A 67 12.70 14.93 12.02
CA ALA A 67 14.11 14.83 12.38
C ALA A 67 15.00 14.93 11.15
N GLU A 68 14.44 15.27 9.98
CA GLU A 68 15.12 15.42 8.70
C GLU A 68 15.87 14.17 8.22
N LEU A 69 15.12 13.08 8.18
CA LEU A 69 15.61 11.78 7.73
C LEU A 69 14.57 11.32 6.71
N SER A 70 15.03 10.62 5.68
CA SER A 70 14.14 10.09 4.70
C SER A 70 14.41 8.63 4.45
N VAL A 71 13.34 8.00 4.01
CA VAL A 71 13.23 6.58 3.72
C VAL A 71 12.44 6.61 2.40
N THR A 72 12.79 5.78 1.41
CA THR A 72 12.03 5.72 0.17
C THR A 72 11.56 4.31 0.07
N LEU A 73 10.26 4.20 -0.01
CA LEU A 73 9.60 2.93 -0.22
C LEU A 73 9.44 2.75 -1.72
N ALA A 74 9.44 1.47 -2.07
CA ALA A 74 9.19 1.11 -3.45
C ALA A 74 7.91 0.28 -3.47
N LEU A 75 6.97 0.71 -4.30
CA LEU A 75 5.67 0.05 -4.44
C LEU A 75 5.58 -0.50 -5.84
N ASP A 76 4.99 -1.68 -5.92
CA ASP A 76 4.77 -2.36 -7.17
C ASP A 76 3.47 -1.77 -7.71
N VAL A 77 3.47 -1.31 -8.93
CA VAL A 77 2.32 -0.69 -9.59
C VAL A 77 1.15 -1.66 -9.84
N THR A 78 1.33 -2.98 -9.82
CA THR A 78 0.23 -3.90 -10.08
C THR A 78 -0.71 -4.09 -8.90
N ASN A 79 -0.19 -3.90 -7.69
CA ASN A 79 -0.99 -4.22 -6.53
C ASN A 79 -0.76 -3.27 -5.39
N ALA A 80 0.00 -2.19 -5.64
CA ALA A 80 0.37 -1.15 -4.68
C ALA A 80 1.08 -1.68 -3.44
N TYR A 81 1.72 -2.84 -3.57
CA TYR A 81 2.37 -3.49 -2.45
C TYR A 81 3.74 -2.84 -2.24
N VAL A 82 4.17 -2.64 -0.99
CA VAL A 82 5.48 -2.08 -0.68
C VAL A 82 6.44 -3.28 -0.68
N VAL A 83 7.32 -3.28 -1.69
CA VAL A 83 8.24 -4.37 -1.92
C VAL A 83 9.57 -4.25 -1.18
N GLY A 84 9.91 -3.05 -0.76
CA GLY A 84 11.14 -2.79 -0.03
C GLY A 84 11.34 -1.28 0.16
N TYR A 85 12.50 -0.94 0.71
CA TYR A 85 12.79 0.44 1.03
C TYR A 85 14.30 0.74 0.99
N ARG A 86 14.66 2.02 0.99
CA ARG A 86 16.04 2.47 0.92
C ARG A 86 16.18 3.48 2.05
N ALA A 87 17.21 3.39 2.87
CA ALA A 87 17.46 4.35 3.93
C ALA A 87 18.94 4.67 3.80
N GLY A 88 19.25 5.85 3.29
CA GLY A 88 20.63 6.26 3.15
C GLY A 88 21.33 5.40 2.09
N ASN A 89 22.36 4.66 2.44
CA ASN A 89 23.04 3.90 1.41
C ASN A 89 22.79 2.43 1.63
N SER A 90 21.59 2.04 2.02
CA SER A 90 21.21 0.65 2.16
C SER A 90 19.78 0.47 1.68
N ALA A 91 19.50 -0.65 1.03
CA ALA A 91 18.19 -1.03 0.49
C ALA A 91 17.82 -2.38 1.09
N TYR A 92 16.55 -2.62 1.43
CA TYR A 92 16.13 -3.90 1.97
C TYR A 92 14.86 -4.28 1.23
N PHE A 93 14.65 -5.56 0.94
CA PHE A 93 13.52 -6.03 0.17
C PHE A 93 12.89 -7.20 0.91
N PHE A 94 11.58 -7.37 0.78
CA PHE A 94 10.89 -8.55 1.28
C PHE A 94 11.15 -9.65 0.24
N HIS A 95 11.19 -10.91 0.68
CA HIS A 95 11.40 -12.03 -0.20
C HIS A 95 10.35 -12.04 -1.31
N PRO A 96 10.80 -11.98 -2.58
CA PRO A 96 9.92 -12.09 -3.72
C PRO A 96 9.36 -13.52 -3.73
N ASP A 97 8.07 -13.67 -4.05
CA ASP A 97 7.47 -15.00 -4.03
C ASP A 97 7.29 -15.68 -5.39
N ASN A 98 8.10 -15.29 -6.36
CA ASN A 98 8.21 -15.96 -7.65
C ASN A 98 9.40 -15.30 -8.34
N GLN A 99 9.88 -15.95 -9.40
CA GLN A 99 11.06 -15.44 -10.06
C GLN A 99 10.99 -14.23 -10.96
N GLU A 100 9.92 -13.87 -11.69
CA GLU A 100 10.00 -12.65 -12.50
C GLU A 100 10.04 -11.48 -11.54
N ASP A 101 9.30 -11.58 -10.42
CA ASP A 101 9.31 -10.59 -9.35
C ASP A 101 10.70 -10.44 -8.77
N ALA A 102 11.37 -11.56 -8.46
CA ALA A 102 12.74 -11.53 -7.96
C ALA A 102 13.68 -10.76 -8.87
N GLU A 103 13.53 -10.93 -10.17
CA GLU A 103 14.42 -10.19 -11.04
C GLU A 103 13.90 -8.80 -11.31
N ALA A 104 12.59 -8.52 -11.18
CA ALA A 104 12.04 -7.18 -11.34
C ALA A 104 12.67 -6.27 -10.28
N ILE A 105 12.77 -6.80 -9.06
CA ILE A 105 13.37 -6.23 -7.85
C ILE A 105 14.81 -5.74 -8.09
N THR A 106 15.61 -6.38 -8.97
CA THR A 106 17.00 -6.02 -9.17
C THR A 106 17.18 -4.69 -9.88
N HIS A 107 16.11 -4.18 -10.48
CA HIS A 107 16.14 -2.87 -11.11
C HIS A 107 15.88 -1.74 -10.11
N LEU A 108 15.42 -2.03 -8.90
CA LEU A 108 14.99 -0.98 -7.99
C LEU A 108 15.92 -0.05 -7.27
N PHE A 109 17.03 -0.43 -6.65
CA PHE A 109 17.83 0.61 -5.99
C PHE A 109 19.28 0.29 -6.33
N THR A 110 19.60 0.20 -7.63
CA THR A 110 20.89 -0.30 -8.13
C THR A 110 22.15 0.39 -7.72
N ASP A 111 22.06 1.70 -7.50
CA ASP A 111 23.13 2.57 -7.08
C ASP A 111 23.60 2.38 -5.64
N VAL A 112 22.73 1.86 -4.75
CA VAL A 112 23.13 1.80 -3.35
C VAL A 112 24.28 0.82 -3.20
N GLN A 113 25.19 1.20 -2.30
CA GLN A 113 26.20 0.25 -1.86
C GLN A 113 25.35 -0.55 -0.87
N ASN A 114 25.41 -1.84 -0.60
CA ASN A 114 24.46 -2.51 0.34
C ASN A 114 22.96 -2.57 0.00
N ARG A 115 22.63 -3.78 -0.45
CA ARG A 115 21.30 -4.20 -0.82
C ARG A 115 21.11 -5.53 -0.10
N TYR A 116 19.95 -5.77 0.53
CA TYR A 116 19.65 -7.00 1.25
C TYR A 116 18.23 -7.46 0.91
N THR A 117 18.02 -8.77 0.91
CA THR A 117 16.72 -9.34 0.74
C THR A 117 16.45 -10.14 1.98
N PHE A 118 15.40 -9.79 2.72
CA PHE A 118 15.00 -10.52 3.90
C PHE A 118 14.50 -11.87 3.42
N ALA A 119 14.56 -12.84 4.32
CA ALA A 119 14.12 -14.21 4.05
C ALA A 119 12.62 -14.40 4.00
N PHE A 120 11.94 -13.55 4.75
CA PHE A 120 10.49 -13.60 4.90
C PHE A 120 9.80 -12.66 3.90
N GLY A 121 8.53 -12.98 3.67
CA GLY A 121 7.66 -12.21 2.81
C GLY A 121 7.06 -11.04 3.58
N GLY A 122 6.40 -10.13 2.89
CA GLY A 122 5.96 -8.92 3.54
C GLY A 122 4.49 -8.81 3.80
N ASN A 123 3.79 -9.94 3.84
CA ASN A 123 2.34 -9.90 4.04
C ASN A 123 2.04 -9.67 5.51
N TYR A 124 0.86 -9.09 5.83
CA TYR A 124 0.46 -8.76 7.21
C TYR A 124 0.63 -9.89 8.20
N ASP A 125 0.40 -11.05 7.62
CA ASP A 125 0.43 -12.35 8.26
C ASP A 125 1.82 -12.55 8.96
N ARG A 126 2.91 -12.33 8.22
CA ARG A 126 4.26 -12.47 8.75
C ARG A 126 4.64 -11.24 9.55
N LEU A 127 4.29 -10.05 9.06
CA LEU A 127 4.65 -8.81 9.70
C LEU A 127 4.19 -8.71 11.17
N GLU A 128 2.93 -9.09 11.41
CA GLU A 128 2.30 -9.09 12.72
C GLU A 128 2.97 -10.05 13.67
N GLN A 129 3.33 -11.21 13.12
CA GLN A 129 3.95 -12.27 13.89
C GLN A 129 5.31 -11.72 14.30
N LEU A 130 6.11 -11.15 13.39
CA LEU A 130 7.41 -10.57 13.72
C LEU A 130 7.33 -9.39 14.67
N ALA A 131 6.30 -8.56 14.49
CA ALA A 131 6.09 -7.38 15.31
C ALA A 131 5.63 -7.79 16.69
N GLY A 132 5.00 -8.95 16.83
CA GLY A 132 4.55 -9.37 18.13
C GLY A 132 3.22 -8.75 18.50
N ASN A 133 2.50 -8.17 17.53
CA ASN A 133 1.22 -7.55 17.81
C ASN A 133 0.34 -7.53 16.57
N LEU A 134 -0.97 -7.49 16.75
CA LEU A 134 -1.86 -7.38 15.62
C LEU A 134 -2.08 -5.92 15.23
N ARG A 135 -2.49 -5.69 13.97
CA ARG A 135 -2.85 -4.38 13.43
C ARG A 135 -3.91 -3.69 14.30
N GLU A 136 -4.80 -4.45 14.94
CA GLU A 136 -5.79 -3.89 15.86
C GLU A 136 -5.18 -3.24 17.08
N ASN A 137 -3.93 -3.51 17.37
CA ASN A 137 -3.35 -2.96 18.55
C ASN A 137 -2.28 -1.95 18.18
N ILE A 138 -2.12 -1.58 16.92
CA ILE A 138 -1.03 -0.68 16.54
C ILE A 138 -1.60 0.64 16.06
N GLU A 139 -1.16 1.71 16.72
CA GLU A 139 -1.67 3.06 16.44
C GLU A 139 -1.21 3.58 15.09
N LEU A 140 -2.12 4.27 14.42
CA LEU A 140 -1.88 4.87 13.09
C LEU A 140 -2.06 6.37 13.25
N GLY A 141 -1.41 7.15 12.40
CA GLY A 141 -1.54 8.59 12.45
C GLY A 141 -0.17 9.20 12.14
N ASN A 142 -0.08 10.53 12.03
CA ASN A 142 1.14 11.25 11.68
C ASN A 142 2.28 11.01 12.65
N GLY A 143 1.97 10.97 13.95
CA GLY A 143 2.95 10.67 14.99
C GLY A 143 3.51 9.28 14.79
N PRO A 144 2.67 8.23 14.71
CA PRO A 144 3.11 6.89 14.32
C PRO A 144 3.93 6.88 13.03
N LEU A 145 3.51 7.53 11.93
CA LEU A 145 4.31 7.51 10.72
C LEU A 145 5.67 8.20 10.88
N GLU A 146 5.76 9.28 11.65
CA GLU A 146 6.98 10.03 11.95
C GLU A 146 8.01 9.12 12.59
N GLU A 147 7.50 8.38 13.57
CA GLU A 147 8.29 7.44 14.35
C GLU A 147 8.81 6.24 13.55
N ALA A 148 7.94 5.79 12.63
CA ALA A 148 8.20 4.64 11.79
C ALA A 148 9.31 4.96 10.79
N ILE A 149 9.32 6.16 10.19
CA ILE A 149 10.36 6.59 9.27
C ILE A 149 11.72 6.60 9.97
N SER A 150 11.80 7.00 11.24
CA SER A 150 13.06 6.92 12.00
C SER A 150 13.51 5.48 12.24
N ALA A 151 12.61 4.60 12.62
CA ALA A 151 12.92 3.20 12.88
C ALA A 151 13.46 2.56 11.63
N LEU A 152 12.81 2.82 10.50
CA LEU A 152 13.24 2.27 9.24
C LEU A 152 14.63 2.77 8.90
N TYR A 153 14.85 4.08 9.08
CA TYR A 153 16.13 4.68 8.81
C TYR A 153 17.24 4.06 9.70
N TYR A 154 17.10 3.91 11.02
CA TYR A 154 18.19 3.40 11.81
C TYR A 154 18.32 1.87 11.82
N TYR A 155 17.55 1.10 11.06
CA TYR A 155 17.70 -0.36 11.00
C TYR A 155 19.11 -0.70 10.52
N SER A 156 19.51 0.00 9.49
CA SER A 156 20.78 -0.08 8.81
C SER A 156 21.97 0.01 9.77
N THR A 157 21.95 0.82 10.84
CA THR A 157 23.10 0.93 11.72
C THR A 157 22.95 0.15 13.01
N GLY A 158 21.90 -0.68 13.13
CA GLY A 158 21.73 -1.44 14.33
C GLY A 158 20.82 -0.79 15.35
N GLY A 159 20.14 0.33 15.06
CA GLY A 159 19.18 0.98 15.97
C GLY A 159 18.04 0.02 16.25
N THR A 160 17.69 -0.58 15.12
CA THR A 160 17.03 -1.87 14.94
C THR A 160 15.99 -2.40 15.93
N GLN A 161 15.82 -3.66 15.61
CA GLN A 161 15.21 -4.74 16.30
C GLN A 161 14.03 -4.93 15.40
N LEU A 162 14.10 -6.12 14.84
CA LEU A 162 13.13 -6.61 13.88
C LEU A 162 11.66 -6.41 14.28
N PRO A 163 11.15 -6.68 15.51
CA PRO A 163 9.82 -6.31 15.94
C PRO A 163 9.51 -4.87 15.58
N THR A 164 10.39 -3.92 15.97
CA THR A 164 10.12 -2.52 15.70
C THR A 164 10.03 -2.25 14.20
N LEU A 165 10.83 -2.92 13.38
CA LEU A 165 10.85 -2.63 11.96
C LEU A 165 9.58 -3.17 11.27
N ALA A 166 9.17 -4.37 11.71
CA ALA A 166 7.99 -5.04 11.19
C ALA A 166 6.78 -4.15 11.49
N ARG A 167 6.76 -3.69 12.72
CA ARG A 167 5.75 -2.77 13.20
C ARG A 167 5.73 -1.48 12.41
N SER A 168 6.84 -0.81 12.14
CA SER A 168 6.92 0.36 11.27
C SER A 168 6.45 0.06 9.83
N PHE A 169 6.64 -1.12 9.26
CA PHE A 169 6.11 -1.48 7.94
C PHE A 169 4.59 -1.51 7.95
N ILE A 170 3.94 -2.03 9.01
CA ILE A 170 2.47 -2.12 9.13
C ILE A 170 1.85 -0.70 9.05
N ILE A 171 2.41 0.21 9.82
CA ILE A 171 2.06 1.64 9.80
C ILE A 171 2.25 2.19 8.38
N CYS A 172 3.43 2.12 7.76
CA CYS A 172 3.58 2.61 6.41
C CYS A 172 2.61 2.04 5.37
N ILE A 173 2.37 0.73 5.42
CA ILE A 173 1.53 0.05 4.45
C ILE A 173 0.12 0.58 4.56
N GLN A 174 -0.40 0.71 5.77
CA GLN A 174 -1.78 1.11 5.93
C GLN A 174 -2.04 2.56 5.58
N MET A 175 -1.09 3.45 5.91
CA MET A 175 -1.27 4.87 5.67
C MET A 175 -0.93 5.29 4.25
N ILE A 176 -0.26 4.43 3.45
CA ILE A 176 0.10 4.74 2.07
C ILE A 176 -0.59 3.75 1.12
N SER A 177 -0.28 2.44 1.13
CA SER A 177 -0.87 1.52 0.18
C SER A 177 -2.37 1.34 0.36
N GLU A 178 -2.82 1.14 1.60
CA GLU A 178 -4.23 0.94 1.85
C GLU A 178 -5.07 2.18 1.65
N ALA A 179 -4.51 3.33 1.97
CA ALA A 179 -5.19 4.60 1.82
C ALA A 179 -5.35 4.83 0.35
N ALA A 180 -4.33 4.54 -0.46
CA ALA A 180 -4.49 4.64 -1.88
C ALA A 180 -5.48 3.60 -2.37
N ARG A 181 -5.48 2.37 -1.91
CA ARG A 181 -6.41 1.34 -2.37
C ARG A 181 -7.87 1.63 -2.02
N PHE A 182 -8.15 2.29 -0.90
CA PHE A 182 -9.52 2.47 -0.41
C PHE A 182 -9.82 3.88 0.04
N GLN A 183 -10.83 4.51 -0.57
CA GLN A 183 -11.21 5.87 -0.21
C GLN A 183 -11.62 5.94 1.26
N TYR A 184 -12.20 4.88 1.80
CA TYR A 184 -12.57 4.83 3.22
C TYR A 184 -11.33 4.87 4.11
N ILE A 185 -10.23 4.20 3.76
CA ILE A 185 -9.07 4.19 4.65
C ILE A 185 -8.35 5.52 4.52
N GLU A 186 -8.28 6.13 3.34
CA GLU A 186 -7.75 7.48 3.20
C GLU A 186 -8.58 8.39 4.11
N GLY A 187 -9.92 8.21 4.19
CA GLY A 187 -10.76 9.01 5.06
C GLY A 187 -10.38 8.85 6.54
N GLU A 188 -10.12 7.59 6.93
CA GLU A 188 -9.71 7.23 8.27
C GLU A 188 -8.36 7.82 8.66
N MET A 189 -7.39 7.89 7.77
CA MET A 189 -6.14 8.51 8.11
C MET A 189 -6.33 10.03 8.15
N ARG A 190 -7.11 10.60 7.24
CA ARG A 190 -7.42 12.03 7.19
C ARG A 190 -8.08 12.50 8.49
N THR A 191 -9.03 11.77 9.08
CA THR A 191 -9.62 12.10 10.37
C THR A 191 -8.56 12.14 11.47
N ARG A 192 -7.62 11.17 11.47
CA ARG A 192 -6.55 11.12 12.43
C ARG A 192 -5.63 12.33 12.27
N ILE A 193 -5.33 12.74 11.03
CA ILE A 193 -4.49 13.88 10.85
C ILE A 193 -5.23 15.14 11.21
N ARG A 194 -6.47 15.42 10.78
CA ARG A 194 -7.10 16.70 11.08
C ARG A 194 -7.25 16.96 12.58
N TYR A 195 -7.31 15.90 13.37
CA TYR A 195 -7.40 16.07 14.80
C TYR A 195 -6.10 15.77 15.53
N ASN A 196 -4.96 15.49 14.88
CA ASN A 196 -3.70 15.14 15.55
C ASN A 196 -3.92 13.99 16.53
N ARG A 197 -4.65 12.99 16.05
CA ARG A 197 -5.01 11.83 16.81
C ARG A 197 -4.25 10.63 16.26
N ARG A 198 -3.94 9.68 17.14
CA ARG A 198 -3.25 8.44 16.79
C ARG A 198 -4.14 7.41 17.44
N SER A 199 -4.53 6.37 16.73
CA SER A 199 -5.37 5.31 17.27
C SER A 199 -5.29 4.12 16.31
N ALA A 200 -5.45 2.91 16.83
CA ALA A 200 -5.45 1.72 16.00
C ALA A 200 -6.69 1.70 15.12
N PRO A 201 -6.61 1.05 13.94
CA PRO A 201 -7.75 0.75 13.09
C PRO A 201 -8.75 -0.18 13.78
N ASP A 202 -10.00 0.15 13.53
CA ASP A 202 -11.09 -0.67 14.02
C ASP A 202 -11.44 -1.77 12.99
N PRO A 203 -12.30 -2.76 13.28
CA PRO A 203 -12.58 -3.88 12.40
C PRO A 203 -13.04 -3.53 10.99
N SER A 204 -13.76 -2.41 10.77
CA SER A 204 -14.20 -2.07 9.43
C SER A 204 -13.01 -1.83 8.49
N VAL A 205 -11.94 -1.20 9.01
CA VAL A 205 -10.70 -0.91 8.28
C VAL A 205 -9.93 -2.21 7.98
N ILE A 206 -9.72 -3.03 9.01
CA ILE A 206 -8.97 -4.28 8.90
C ILE A 206 -9.64 -5.24 7.93
N THR A 207 -10.96 -5.50 8.05
CA THR A 207 -11.61 -6.43 7.14
C THR A 207 -11.58 -5.94 5.67
N LEU A 208 -11.62 -4.66 5.34
CA LEU A 208 -11.42 -4.23 3.97
C LEU A 208 -9.99 -4.54 3.53
N GLU A 209 -8.98 -4.35 4.41
CA GLU A 209 -7.57 -4.67 4.07
C GLU A 209 -7.42 -6.16 3.79
N ASN A 210 -8.05 -7.04 4.54
CA ASN A 210 -7.97 -8.45 4.21
C ASN A 210 -8.78 -8.81 2.97
N SER A 211 -9.88 -8.10 2.69
CA SER A 211 -10.77 -8.43 1.59
C SER A 211 -10.42 -7.89 0.21
N TRP A 212 -9.47 -6.96 0.05
CA TRP A 212 -9.19 -6.30 -1.23
C TRP A 212 -9.09 -7.21 -2.44
N GLY A 213 -8.31 -8.29 -2.37
CA GLY A 213 -8.17 -9.20 -3.51
C GLY A 213 -9.50 -9.84 -3.89
N ARG A 214 -10.28 -10.15 -2.86
CA ARG A 214 -11.53 -10.86 -3.03
C ARG A 214 -12.59 -9.93 -3.56
N LEU A 215 -12.57 -8.66 -3.10
CA LEU A 215 -13.44 -7.63 -3.63
C LEU A 215 -13.06 -7.41 -5.07
N SER A 216 -11.78 -7.30 -5.43
CA SER A 216 -11.35 -7.10 -6.79
C SER A 216 -11.85 -8.20 -7.71
N THR A 217 -11.75 -9.45 -7.24
CA THR A 217 -12.23 -10.61 -7.99
C THR A 217 -13.74 -10.65 -8.14
N ALA A 218 -14.50 -10.41 -7.06
CA ALA A 218 -15.96 -10.51 -7.12
C ALA A 218 -16.55 -9.44 -8.05
N ILE A 219 -15.97 -8.26 -8.05
CA ILE A 219 -16.43 -7.20 -8.91
C ILE A 219 -16.14 -7.53 -10.37
N GLN A 220 -14.93 -8.02 -10.72
CA GLN A 220 -14.64 -8.29 -12.12
C GLN A 220 -15.35 -9.51 -12.68
N GLU A 221 -15.70 -10.48 -11.81
CA GLU A 221 -16.52 -11.62 -12.21
C GLU A 221 -18.02 -11.37 -12.17
N SER A 222 -18.52 -10.37 -11.44
CA SER A 222 -19.97 -10.14 -11.30
C SER A 222 -20.83 -10.19 -12.56
N ASN A 223 -22.07 -10.69 -12.48
CA ASN A 223 -22.95 -10.71 -13.65
C ASN A 223 -23.69 -9.41 -13.48
N GLN A 224 -23.52 -8.49 -14.44
CA GLN A 224 -24.06 -7.14 -14.42
C GLN A 224 -23.44 -6.43 -13.20
N GLY A 225 -23.83 -6.61 -11.95
CA GLY A 225 -23.00 -6.05 -10.88
C GLY A 225 -23.10 -6.87 -9.61
N ALA A 226 -23.84 -7.96 -9.69
CA ALA A 226 -24.17 -8.77 -8.53
C ALA A 226 -23.11 -9.83 -8.39
N PHE A 227 -22.77 -10.06 -7.14
CA PHE A 227 -21.73 -10.98 -6.79
C PHE A 227 -22.28 -12.40 -6.81
N ALA A 228 -21.50 -13.36 -7.31
CA ALA A 228 -21.87 -14.77 -7.30
C ALA A 228 -21.77 -15.29 -5.88
N SER A 229 -21.03 -14.58 -5.02
CA SER A 229 -21.08 -14.84 -3.61
C SER A 229 -20.84 -13.53 -2.89
N PRO A 230 -21.60 -13.21 -1.86
CA PRO A 230 -21.40 -12.04 -1.03
C PRO A 230 -20.10 -11.98 -0.25
N ILE A 231 -19.40 -10.83 -0.22
CA ILE A 231 -18.23 -10.74 0.63
C ILE A 231 -18.75 -10.30 1.99
N GLN A 232 -18.19 -10.86 3.05
CA GLN A 232 -18.59 -10.57 4.40
C GLN A 232 -17.65 -9.49 4.91
N LEU A 233 -18.22 -8.39 5.33
CA LEU A 233 -17.45 -7.27 5.81
C LEU A 233 -17.73 -7.08 7.29
N GLN A 234 -17.12 -6.06 7.90
CA GLN A 234 -17.39 -5.74 9.28
C GLN A 234 -17.66 -4.26 9.52
N ARG A 235 -18.56 -4.00 10.46
CA ARG A 235 -18.87 -2.65 10.91
C ARG A 235 -17.86 -2.30 11.98
N ARG A 236 -17.79 -1.00 12.30
CA ARG A 236 -16.88 -0.52 13.35
C ARG A 236 -16.98 -1.26 14.68
N ASN A 237 -18.16 -1.75 15.03
CA ASN A 237 -18.49 -2.49 16.25
C ASN A 237 -18.12 -3.97 16.18
N GLY A 238 -17.73 -4.48 15.02
CA GLY A 238 -17.33 -5.87 14.90
C GLY A 238 -18.39 -6.69 14.21
N SER A 239 -19.65 -6.23 14.07
CA SER A 239 -20.69 -7.07 13.47
C SER A 239 -20.50 -7.21 11.97
N LYS A 240 -20.88 -8.37 11.43
CA LYS A 240 -20.74 -8.63 10.02
C LYS A 240 -21.99 -8.33 9.22
N PHE A 241 -21.81 -7.93 7.97
CA PHE A 241 -22.90 -7.77 7.05
C PHE A 241 -22.43 -8.32 5.69
N SER A 242 -23.37 -8.67 4.81
CA SER A 242 -22.98 -9.18 3.53
C SER A 242 -23.07 -8.04 2.51
N VAL A 243 -22.22 -8.10 1.49
CA VAL A 243 -22.28 -7.15 0.40
C VAL A 243 -22.66 -8.04 -0.78
N TYR A 244 -23.80 -7.74 -1.38
CA TYR A 244 -24.38 -8.49 -2.49
C TYR A 244 -23.93 -7.99 -3.87
N ASP A 245 -23.52 -6.74 -4.03
CA ASP A 245 -23.21 -6.22 -5.36
C ASP A 245 -22.29 -5.02 -5.26
N VAL A 246 -21.79 -4.57 -6.41
CA VAL A 246 -20.81 -3.50 -6.48
C VAL A 246 -21.28 -2.13 -5.95
N SER A 247 -22.52 -1.69 -6.17
CA SER A 247 -22.93 -0.33 -5.87
C SER A 247 -22.59 0.33 -4.55
N ILE A 248 -22.66 -0.36 -3.44
CA ILE A 248 -22.32 0.25 -2.16
C ILE A 248 -20.78 0.38 -1.99
N LEU A 249 -20.02 -0.29 -2.84
CA LEU A 249 -18.59 -0.27 -2.74
C LEU A 249 -17.95 0.87 -3.48
N ILE A 250 -18.64 1.45 -4.46
CA ILE A 250 -18.07 2.49 -5.32
C ILE A 250 -17.48 3.69 -4.55
N PRO A 251 -18.07 4.22 -3.47
CA PRO A 251 -17.44 5.21 -2.61
C PRO A 251 -16.44 4.70 -1.56
N ILE A 252 -16.27 3.38 -1.46
CA ILE A 252 -15.45 2.77 -0.44
C ILE A 252 -14.10 2.38 -1.06
N ILE A 253 -14.10 1.69 -2.20
CA ILE A 253 -12.88 1.18 -2.79
C ILE A 253 -12.36 2.12 -3.89
N ALA A 254 -11.08 2.45 -3.99
CA ALA A 254 -10.56 3.35 -5.00
C ALA A 254 -9.86 2.69 -6.19
N LEU A 255 -9.26 1.53 -5.97
CA LEU A 255 -8.44 0.87 -6.99
C LEU A 255 -8.62 -0.64 -6.80
N MET A 256 -8.59 -1.44 -7.86
CA MET A 256 -8.65 -2.87 -7.74
C MET A 256 -7.48 -3.49 -8.48
N VAL A 257 -6.98 -4.63 -8.01
CA VAL A 257 -5.95 -5.34 -8.75
C VAL A 257 -6.62 -6.00 -9.97
N TYR A 258 -5.96 -6.08 -11.12
CA TYR A 258 -6.43 -6.76 -12.31
C TYR A 258 -6.60 -8.25 -12.04
N ARG A 259 -7.77 -8.76 -12.43
CA ARG A 259 -8.11 -10.17 -12.28
C ARG A 259 -8.52 -10.79 -13.62
N CYS A 260 -9.25 -10.09 -14.45
CA CYS A 260 -9.80 -10.72 -15.64
C CYS A 260 -9.74 -9.73 -16.79
N ALA A 261 -9.69 -10.27 -18.02
CA ALA A 261 -9.83 -9.45 -19.21
C ALA A 261 -11.28 -9.01 -19.15
N PRO A 262 -11.61 -7.73 -19.37
CA PRO A 262 -12.96 -7.23 -19.19
C PRO A 262 -13.95 -7.98 -20.08
N PRO A 263 -14.97 -8.65 -19.55
CA PRO A 263 -15.97 -9.31 -20.37
C PRO A 263 -16.79 -8.35 -21.25
N PRO A 264 -17.40 -7.22 -20.84
CA PRO A 264 -17.84 -6.19 -21.79
C PRO A 264 -16.77 -5.14 -22.02
N SER A 265 -17.08 -4.16 -22.87
CA SER A 265 -16.18 -3.03 -23.02
C SER A 265 -16.38 -2.02 -21.89
N SER A 266 -17.40 -1.14 -21.93
CA SER A 266 -17.70 -0.05 -21.00
C SER A 266 -16.58 0.99 -20.87
N GLN A 267 -15.34 0.62 -20.60
CA GLN A 267 -14.26 1.58 -20.57
C GLN A 267 -13.80 1.89 -21.99
N PHE A 268 -14.01 3.18 -22.19
CA PHE A 268 -13.56 3.97 -23.32
C PHE A 268 -13.42 5.30 -22.56
C2 PT1 B . 1.28 -4.16 1.11
C3 PT1 B . 0.40 -5.11 1.69
C5 PT1 B . 1.00 -6.13 2.47
N6 PT1 B . -0.92 -5.04 1.55
C7 PT1 B . 3.08 -5.27 2.05
N9 PT1 B . 2.35 -6.22 2.66
C10 PT1 B . -1.69 -5.99 2.15
N11 PT1 B . 4.43 -5.41 2.17
C12 PT1 B . -1.10 -7.01 2.92
C21 PT1 B . -0.80 -9.16 -3.44
O22 PT1 B . -0.05 -10.20 -3.42
O1 PT1 B . 0.77 -3.16 0.34
N4 PT1 B . 2.64 -4.25 1.28
N8 PT1 B . 0.24 -7.07 3.07
C13 PT1 B . -3.16 -6.02 1.86
N14 PT1 B . -3.52 -7.24 1.18
C15 PT1 B . -2.81 -7.67 0.07
C16 PT1 B . -2.30 -8.97 0.02
C17 PT1 B . -2.63 -6.84 -1.04
C18 PT1 B . -1.63 -9.45 -1.10
C19 PT1 B . -1.95 -7.32 -2.18
C20 PT1 B . -1.46 -8.63 -2.21
O23 PT1 B . -0.99 -8.55 -4.56
#